data_4IO6
#
_entry.id   4IO6
#
_cell.length_a   54.997
_cell.length_b   100.537
_cell.length_c   56.725
_cell.angle_alpha   90.00
_cell.angle_beta   116.21
_cell.angle_gamma   90.00
#
_symmetry.space_group_name_H-M   'P 1 21 1'
#
loop_
_entity.id
_entity.type
_entity.pdbx_description
1 polymer 'AvGluR1 ligand binding domain'
2 non-polymer METHIONINE
3 non-polymer 'CHLORIDE ION'
4 water water
#
_entity_poly.entity_id   1
_entity_poly.type   'polypeptide(L)'
_entity_poly.pdbx_seq_one_letter_code
;GSARLKGITLRIGVIESVPFTIVANVIDTSGRNTTKLTGYVLDLIEYLRDKMGFVADVQLAPPNTSYTGLVLALANGDYD
IAIGDITVTSARREIVAFSNSISDNSMRILMRKGTLIDGMDDLKNGKIPYNRIGIRIGTAGEDYYLREISGGSRNFYPLK
SRQEMYDSLLAGIIDVSFMDIGTAEYVTNNIYCNLTLVGEDFDKSTFGIVTPKEWLYAKDLDVNILSLRETGILDNLKKK
WFQTKACP
;
_entity_poly.pdbx_strand_id   A,B
#
# COMPACT_ATOMS: atom_id res chain seq x y z
N GLY A 1 21.71 0.71 14.71
CA GLY A 1 21.17 -0.09 15.83
C GLY A 1 19.65 -0.02 15.86
N SER A 2 19.05 -0.73 16.81
CA SER A 2 17.58 -0.73 16.93
C SER A 2 17.18 -0.86 18.39
N ALA A 3 15.97 -0.42 18.70
CA ALA A 3 15.47 -0.48 20.05
C ALA A 3 13.96 -0.60 20.04
N ARG A 4 13.42 -1.09 21.15
CA ARG A 4 11.97 -1.09 21.40
C ARG A 4 11.48 0.21 22.02
N LEU A 5 10.23 0.57 21.74
CA LEU A 5 9.62 1.81 22.23
C LEU A 5 9.07 1.71 23.68
N LYS A 6 9.11 0.54 24.30
CA LYS A 6 8.54 0.39 25.63
C LYS A 6 9.14 1.37 26.62
N GLY A 7 8.29 2.14 27.30
CA GLY A 7 8.75 3.11 28.30
C GLY A 7 9.21 4.45 27.72
N ILE A 8 9.27 4.55 26.40
CA ILE A 8 9.80 5.75 25.75
C ILE A 8 8.66 6.74 25.48
N THR A 9 8.92 8.02 25.68
CA THR A 9 7.92 9.03 25.36
C THR A 9 8.07 9.46 23.91
N LEU A 10 6.96 9.40 23.17
CA LEU A 10 6.86 9.91 21.80
C LEU A 10 5.97 11.11 21.71
N ARG A 11 6.50 12.20 21.15
CA ARG A 11 5.70 13.35 20.80
C ARG A 11 5.11 13.04 19.43
N ILE A 12 3.77 12.93 19.38
CA ILE A 12 3.08 12.47 18.19
C ILE A 12 2.32 13.64 17.57
N GLY A 13 2.75 14.06 16.40
CA GLY A 13 2.06 15.14 15.69
C GLY A 13 0.83 14.59 14.99
N VAL A 14 -0.30 15.29 15.16
CA VAL A 14 -1.53 14.96 14.44
C VAL A 14 -2.05 16.23 13.80
N ILE A 15 -2.94 16.06 12.82
CA ILE A 15 -3.43 17.20 12.04
C ILE A 15 -4.95 17.03 11.81
N GLU A 16 -5.70 18.11 11.99
CA GLU A 16 -7.14 18.02 11.93
C GLU A 16 -7.60 17.58 10.56
N SER A 17 -8.44 16.55 10.56
CA SER A 17 -8.99 16.00 9.33
C SER A 17 -10.07 15.01 9.71
N VAL A 18 -11.34 15.37 9.59
CA VAL A 18 -12.38 14.44 10.00
C VAL A 18 -12.51 13.30 8.99
N PRO A 19 -12.68 12.04 9.48
CA PRO A 19 -12.76 11.55 10.85
C PRO A 19 -11.46 10.88 11.32
N PHE A 20 -10.35 11.24 10.74
CA PHE A 20 -9.03 10.78 11.21
C PHE A 20 -8.72 11.43 12.56
N THR A 21 -8.75 12.75 12.59
CA THR A 21 -8.44 13.52 13.80
C THR A 21 -9.47 14.63 13.87
N ILE A 22 -10.36 14.49 14.83
CA ILE A 22 -11.53 15.34 15.00
C ILE A 22 -11.29 16.21 16.20
N VAL A 23 -11.40 17.52 16.02
CA VAL A 23 -11.07 18.48 17.04
C VAL A 23 -12.34 19.15 17.56
N ALA A 24 -12.55 19.10 18.88
CA ALA A 24 -13.65 19.81 19.52
C ALA A 24 -13.13 20.78 20.57
N ASN A 25 -13.80 21.92 20.70
CA ASN A 25 -13.58 22.79 21.86
C ASN A 25 -14.67 22.57 22.90
N VAL A 26 -14.28 22.58 24.17
CA VAL A 26 -15.26 22.44 25.25
C VAL A 26 -14.91 23.33 26.43
N ILE A 27 -15.89 23.56 27.30
CA ILE A 27 -15.68 24.39 28.49
C ILE A 27 -15.93 23.58 29.76
N ASN A 33 -11.77 26.45 29.04
CA ASN A 33 -11.62 26.17 27.61
C ASN A 33 -10.52 25.14 27.31
N THR A 34 -10.86 24.10 26.55
CA THR A 34 -9.93 23.02 26.27
C THR A 34 -10.30 22.27 24.99
N THR A 35 -9.31 21.62 24.41
CA THR A 35 -9.49 20.91 23.15
C THR A 35 -9.53 19.41 23.36
N LYS A 36 -10.47 18.75 22.70
CA LYS A 36 -10.65 17.32 22.80
C LYS A 36 -10.43 16.70 21.42
N LEU A 37 -9.69 15.60 21.38
CA LEU A 37 -9.40 14.91 20.12
C LEU A 37 -9.97 13.50 20.12
N THR A 38 -10.58 13.13 19.01
CA THR A 38 -11.10 11.80 18.81
C THR A 38 -10.87 11.42 17.35
N GLY A 39 -11.11 10.16 17.01
CA GLY A 39 -11.04 9.73 15.62
C GLY A 39 -10.19 8.49 15.40
N TYR A 40 -10.17 8.03 14.15
CA TYR A 40 -9.35 6.88 13.72
C TYR A 40 -7.91 6.99 14.24
N VAL A 41 -7.31 8.18 14.13
CA VAL A 41 -5.90 8.34 14.50
C VAL A 41 -5.70 8.17 16.01
N LEU A 42 -6.64 8.70 16.78
CA LEU A 42 -6.52 8.64 18.25
C LEU A 42 -6.69 7.18 18.68
N ASP A 43 -7.62 6.47 18.01
CA ASP A 43 -7.83 5.06 18.34
C ASP A 43 -6.59 4.25 17.94
N LEU A 44 -6.01 4.54 16.79
CA LEU A 44 -4.81 3.86 16.33
C LEU A 44 -3.66 4.06 17.31
N ILE A 45 -3.47 5.30 17.77
CA ILE A 45 -2.46 5.57 18.78
C ILE A 45 -2.63 4.67 20.02
N GLU A 46 -3.86 4.51 20.50
N GLU A 46 -3.87 4.54 20.50
CA GLU A 46 -4.10 3.70 21.68
CA GLU A 46 -4.17 3.70 21.65
C GLU A 46 -3.86 2.20 21.43
C GLU A 46 -3.79 2.24 21.39
N TYR A 47 -4.20 1.70 20.24
CA TYR A 47 -3.87 0.32 19.88
C TYR A 47 -2.34 0.12 19.89
N LEU A 48 -1.63 1.04 19.27
CA LEU A 48 -0.16 0.93 19.23
C LEU A 48 0.46 1.10 20.63
N ARG A 49 -0.07 2.02 21.41
CA ARG A 49 0.45 2.24 22.76
C ARG A 49 0.29 0.99 23.61
N ASP A 50 -0.87 0.35 23.50
N ASP A 50 -0.87 0.35 23.50
CA ASP A 50 -1.16 -0.83 24.30
CA ASP A 50 -1.17 -0.83 24.31
C ASP A 50 -0.21 -1.98 23.98
C ASP A 50 -0.26 -2.00 23.96
N LYS A 51 0.11 -2.14 22.71
N LYS A 51 0.06 -2.16 22.69
CA LYS A 51 0.97 -3.23 22.29
CA LYS A 51 0.97 -3.23 22.27
C LYS A 51 2.47 -2.94 22.42
C LYS A 51 2.43 -2.91 22.60
N MET A 52 2.84 -1.66 22.33
CA MET A 52 4.26 -1.30 22.29
C MET A 52 4.75 -0.69 23.59
N GLY A 53 3.84 -0.11 24.34
CA GLY A 53 4.17 0.39 25.68
C GLY A 53 4.88 1.74 25.75
N PHE A 54 4.84 2.51 24.67
CA PHE A 54 5.36 3.88 24.73
C PHE A 54 4.42 4.77 25.50
N VAL A 55 4.91 5.96 25.83
CA VAL A 55 4.10 6.99 26.46
C VAL A 55 3.76 8.01 25.38
N ALA A 56 2.47 8.24 25.17
CA ALA A 56 2.00 9.07 24.08
C ALA A 56 1.81 10.49 24.53
N ASP A 57 2.47 11.41 23.83
CA ASP A 57 2.32 12.85 24.02
C ASP A 57 1.77 13.43 22.72
N VAL A 58 0.45 13.47 22.60
CA VAL A 58 -0.21 13.82 21.36
C VAL A 58 -0.32 15.33 21.25
N GLN A 59 0.17 15.82 20.12
CA GLN A 59 0.25 17.25 19.84
CA GLN A 59 0.25 17.25 19.84
C GLN A 59 -0.43 17.61 18.53
N LEU A 60 -1.50 18.40 18.62
CA LEU A 60 -2.21 18.87 17.43
C LEU A 60 -1.46 20.02 16.75
N ALA A 61 -1.21 19.87 15.45
CA ALA A 61 -0.60 20.92 14.67
C ALA A 61 -1.49 22.18 14.66
N PRO A 62 -0.85 23.35 14.69
CA PRO A 62 -1.62 24.61 14.69
C PRO A 62 -2.59 24.70 13.52
N PRO A 63 -3.61 25.57 13.63
CA PRO A 63 -4.59 25.68 12.55
C PRO A 63 -3.93 26.05 11.23
N ASN A 64 -4.46 25.53 10.13
CA ASN A 64 -3.98 25.87 8.81
C ASN A 64 -2.55 25.35 8.53
N THR A 65 -2.00 24.53 9.42
CA THR A 65 -0.77 23.79 9.11
C THR A 65 -1.07 22.91 7.90
N SER A 66 -0.15 22.84 6.95
CA SER A 66 -0.35 22.04 5.78
C SER A 66 0.27 20.67 6.01
N TYR A 67 0.02 19.74 5.11
CA TYR A 67 0.61 18.42 5.24
C TYR A 67 2.12 18.51 5.05
N THR A 68 2.58 19.30 4.08
CA THR A 68 4.03 19.49 3.92
C THR A 68 4.60 20.13 5.18
N GLY A 69 3.85 21.07 5.74
CA GLY A 69 4.25 21.74 6.96
C GLY A 69 4.46 20.79 8.13
N LEU A 70 3.56 19.83 8.26
CA LEU A 70 3.65 18.83 9.34
C LEU A 70 4.89 17.98 9.17
N VAL A 71 5.13 17.54 7.95
CA VAL A 71 6.33 16.76 7.65
C VAL A 71 7.59 17.56 7.97
N LEU A 72 7.64 18.82 7.54
CA LEU A 72 8.80 19.64 7.82
C LEU A 72 8.99 19.90 9.31
N ALA A 73 7.90 20.05 10.04
CA ALA A 73 8.01 20.25 11.49
C ALA A 73 8.65 19.02 12.13
N LEU A 74 8.28 17.82 11.69
CA LEU A 74 8.89 16.62 12.21
C LEU A 74 10.38 16.59 11.85
N ALA A 75 10.73 16.91 10.60
CA ALA A 75 12.14 16.90 10.20
C ALA A 75 12.97 17.89 11.03
N ASN A 76 12.32 18.95 11.49
CA ASN A 76 12.98 19.99 12.26
C ASN A 76 13.11 19.60 13.74
N GLY A 77 12.46 18.52 14.12
CA GLY A 77 12.52 17.98 15.47
C GLY A 77 11.38 18.35 16.40
N ASP A 78 10.27 18.88 15.84
CA ASP A 78 9.14 19.34 16.66
C ASP A 78 8.30 18.16 17.17
N TYR A 79 8.39 17.03 16.48
CA TYR A 79 7.69 15.79 16.83
C TYR A 79 8.64 14.62 16.68
N ASP A 80 8.34 13.50 17.32
CA ASP A 80 9.07 12.26 17.11
C ASP A 80 8.48 11.45 15.96
N ILE A 81 7.15 11.37 15.89
CA ILE A 81 6.45 10.77 14.76
C ILE A 81 5.23 11.64 14.45
N ALA A 82 4.66 11.43 13.26
CA ALA A 82 3.39 12.07 12.91
C ALA A 82 2.46 11.05 12.28
N ILE A 83 1.22 11.04 12.75
CA ILE A 83 0.25 10.07 12.32
C ILE A 83 -0.97 10.78 11.79
N GLY A 84 -1.38 10.41 10.58
CA GLY A 84 -2.61 10.92 10.01
C GLY A 84 -2.77 10.42 8.58
N ASP A 85 -3.58 11.16 7.84
CA ASP A 85 -3.86 10.88 6.45
C ASP A 85 -2.77 11.56 5.61
N ILE A 86 -1.55 11.08 5.82
CA ILE A 86 -0.34 11.67 5.31
C ILE A 86 0.22 10.82 4.17
N THR A 87 0.19 11.35 2.96
CA THR A 87 0.58 10.63 1.79
C THR A 87 2.10 10.48 1.70
N VAL A 88 2.53 9.26 1.39
CA VAL A 88 3.93 8.97 1.15
C VAL A 88 4.27 9.48 -0.24
N THR A 89 5.22 10.42 -0.31
CA THR A 89 5.68 10.93 -1.59
C THR A 89 7.20 10.90 -1.68
N SER A 90 7.71 10.90 -2.91
CA SER A 90 9.16 10.88 -3.18
CA SER A 90 9.14 10.87 -3.15
C SER A 90 9.86 12.08 -2.56
N ALA A 91 9.28 13.27 -2.74
CA ALA A 91 9.87 14.47 -2.17
C ALA A 91 9.94 14.44 -0.64
N ARG A 92 8.90 13.93 0.01
CA ARG A 92 8.94 13.85 1.45
C ARG A 92 9.92 12.80 1.93
N ARG A 93 10.07 11.71 1.17
CA ARG A 93 10.98 10.61 1.58
C ARG A 93 12.43 11.06 1.56
N GLU A 94 12.71 12.16 0.83
CA GLU A 94 14.07 12.73 0.86
C GLU A 94 14.44 13.25 2.26
N ILE A 95 13.43 13.70 3.03
CA ILE A 95 13.70 14.36 4.30
C ILE A 95 13.22 13.64 5.57
N VAL A 96 12.32 12.68 5.40
CA VAL A 96 11.80 11.87 6.48
C VAL A 96 11.63 10.44 5.98
N ALA A 97 11.42 9.51 6.92
CA ALA A 97 11.06 8.15 6.57
C ALA A 97 9.56 7.95 6.83
N PHE A 98 9.03 6.85 6.28
CA PHE A 98 7.65 6.47 6.52
C PHE A 98 7.61 5.02 6.98
N SER A 99 6.71 4.79 7.91
CA SER A 99 6.40 3.44 8.30
C SER A 99 5.78 2.67 7.16
N ASN A 100 5.67 1.38 7.36
CA ASN A 100 4.82 0.59 6.50
CA ASN A 100 4.77 0.55 6.59
C ASN A 100 3.43 1.25 6.42
N SER A 101 2.82 1.12 5.27
CA SER A 101 1.53 1.73 4.99
CA SER A 101 1.58 1.83 5.06
C SER A 101 0.47 1.38 6.02
N ILE A 102 -0.29 2.39 6.45
CA ILE A 102 -1.46 2.13 7.25
C ILE A 102 -2.75 2.04 6.44
N SER A 103 -2.70 2.46 5.18
CA SER A 103 -3.87 2.49 4.31
C SER A 103 -3.43 2.75 2.89
N ASP A 104 -4.16 2.17 1.94
CA ASP A 104 -4.08 2.56 0.55
C ASP A 104 -4.79 3.91 0.41
N ASN A 105 -4.57 4.59 -0.70
CA ASN A 105 -5.19 5.89 -0.91
C ASN A 105 -5.23 6.16 -2.40
N SER A 106 -6.10 7.08 -2.76
CA SER A 106 -6.15 7.66 -4.12
C SER A 106 -6.90 8.98 -3.93
N MET A 107 -6.97 9.81 -4.97
CA MET A 107 -7.68 11.08 -4.91
C MET A 107 -8.93 11.08 -5.77
N ARG A 108 -9.88 11.94 -5.42
CA ARG A 108 -11.09 12.17 -6.19
C ARG A 108 -11.27 13.66 -6.45
N ILE A 109 -12.01 13.98 -7.51
CA ILE A 109 -12.45 15.33 -7.80
C ILE A 109 -13.72 15.64 -7.00
N LEU A 110 -13.68 16.75 -6.26
CA LEU A 110 -14.80 17.28 -5.46
C LEU A 110 -15.44 18.46 -6.16
N MET A 111 -16.77 18.51 -6.17
CA MET A 111 -17.49 19.61 -6.85
C MET A 111 -18.86 19.78 -6.27
N ARG A 112 -19.52 20.88 -6.62
CA ARG A 112 -20.93 21.07 -6.25
C ARG A 112 -21.78 20.14 -7.09
N LYS A 113 -22.85 19.61 -6.53
CA LYS A 113 -23.77 18.82 -7.32
C LYS A 113 -24.26 19.65 -8.49
N GLY A 114 -24.35 19.02 -9.64
CA GLY A 114 -24.90 19.67 -10.82
C GLY A 114 -23.86 20.26 -11.76
N THR A 115 -22.62 20.36 -11.29
CA THR A 115 -21.54 20.90 -12.11
C THR A 115 -21.23 19.93 -13.25
N LEU A 116 -21.00 20.46 -14.44
CA LEU A 116 -20.83 19.61 -15.61
C LEU A 116 -19.35 19.27 -15.83
N ILE A 117 -18.84 18.39 -14.99
CA ILE A 117 -17.50 17.87 -15.12
C ILE A 117 -17.60 16.35 -15.25
N ASP A 118 -16.95 15.80 -16.26
CA ASP A 118 -16.97 14.36 -16.52
C ASP A 118 -15.84 13.65 -15.77
N GLY A 119 -14.70 14.31 -15.68
CA GLY A 119 -13.53 13.71 -15.08
C GLY A 119 -12.29 14.56 -15.28
N MET A 120 -11.13 13.96 -15.03
CA MET A 120 -9.88 14.72 -15.03
C MET A 120 -9.56 15.34 -16.38
N ASP A 121 -10.05 14.73 -17.46
CA ASP A 121 -9.77 15.25 -18.79
C ASP A 121 -10.33 16.66 -18.96
N ASP A 122 -11.45 16.95 -18.33
CA ASP A 122 -11.98 18.30 -18.38
C ASP A 122 -11.02 19.33 -17.77
N LEU A 123 -10.33 18.98 -16.69
CA LEU A 123 -9.35 19.90 -16.12
C LEU A 123 -8.11 20.04 -17.01
N LYS A 124 -7.65 18.93 -17.57
CA LYS A 124 -6.49 18.94 -18.45
C LYS A 124 -6.74 19.62 -19.80
N ASN A 125 -8.02 19.70 -20.20
CA ASN A 125 -8.37 20.32 -21.48
C ASN A 125 -8.78 21.78 -21.34
N GLY A 126 -8.79 22.30 -20.13
CA GLY A 126 -9.11 23.70 -19.94
C GLY A 126 -10.59 24.08 -19.92
N LYS A 127 -11.46 23.14 -19.58
N LYS A 127 -11.45 23.13 -19.59
CA LYS A 127 -12.88 23.46 -19.48
CA LYS A 127 -12.90 23.40 -19.47
C LYS A 127 -13.12 24.38 -18.30
C LYS A 127 -13.14 24.34 -18.29
N ILE A 128 -12.24 24.29 -17.30
CA ILE A 128 -12.36 25.12 -16.10
C ILE A 128 -11.23 26.16 -16.03
N PRO A 129 -11.58 27.45 -15.85
CA PRO A 129 -10.54 28.48 -15.71
C PRO A 129 -9.66 28.17 -14.51
N TYR A 130 -8.34 28.32 -14.66
CA TYR A 130 -7.43 27.86 -13.61
C TYR A 130 -7.69 28.48 -12.24
N ASN A 131 -8.13 29.74 -12.22
CA ASN A 131 -8.42 30.41 -10.97
C ASN A 131 -9.70 29.86 -10.33
N ARG A 132 -10.38 28.94 -10.99
CA ARG A 132 -11.57 28.30 -10.38
C ARG A 132 -11.31 26.83 -10.10
N ILE A 133 -10.02 26.44 -10.13
CA ILE A 133 -9.60 25.15 -9.59
C ILE A 133 -8.91 25.42 -8.27
N GLY A 134 -9.54 25.00 -7.19
CA GLY A 134 -8.97 25.21 -5.87
C GLY A 134 -8.02 24.09 -5.46
N ILE A 135 -6.84 24.49 -5.01
CA ILE A 135 -5.77 23.56 -4.62
C ILE A 135 -5.25 23.95 -3.26
N ARG A 136 -5.30 23.02 -2.32
CA ARG A 136 -4.72 23.26 -1.00
C ARG A 136 -3.17 23.24 -1.10
N ILE A 137 -2.54 24.33 -0.75
CA ILE A 137 -1.08 24.38 -0.86
C ILE A 137 -0.46 23.43 0.16
N GLY A 138 0.70 22.86 -0.19
CA GLY A 138 1.40 21.99 0.72
C GLY A 138 0.71 20.67 0.90
N THR A 139 0.10 20.17 -0.18
CA THR A 139 -0.53 18.86 -0.19
C THR A 139 -0.13 18.07 -1.42
N ALA A 140 -0.39 16.77 -1.38
CA ALA A 140 -0.20 15.94 -2.56
C ALA A 140 -1.07 16.36 -3.77
N GLY A 141 -2.19 17.02 -3.50
CA GLY A 141 -3.05 17.53 -4.56
C GLY A 141 -2.32 18.63 -5.34
N GLU A 142 -1.59 19.46 -4.62
CA GLU A 142 -0.77 20.48 -5.28
C GLU A 142 0.31 19.81 -6.15
N ASP A 143 0.97 18.80 -5.60
CA ASP A 143 2.01 18.11 -6.33
C ASP A 143 1.48 17.53 -7.65
N TYR A 144 0.33 16.88 -7.56
CA TYR A 144 -0.31 16.30 -8.74
C TYR A 144 -0.69 17.38 -9.75
N TYR A 145 -1.31 18.45 -9.28
CA TYR A 145 -1.71 19.52 -10.18
C TYR A 145 -0.54 20.05 -10.99
N LEU A 146 0.57 20.30 -10.29
CA LEU A 146 1.72 20.88 -10.95
C LEU A 146 2.36 19.91 -11.94
N ARG A 147 2.34 18.62 -11.60
CA ARG A 147 2.96 17.61 -12.45
C ARG A 147 2.11 17.27 -13.68
N GLU A 148 0.80 17.12 -13.48
CA GLU A 148 -0.10 16.59 -14.53
C GLU A 148 -1.03 17.60 -15.20
N ILE A 149 -1.31 18.73 -14.55
CA ILE A 149 -2.25 19.68 -15.13
C ILE A 149 -1.58 20.93 -15.67
N SER A 150 -0.76 21.60 -14.86
CA SER A 150 -0.32 22.95 -15.23
C SER A 150 1.12 23.09 -15.66
N GLY A 151 1.83 22.00 -15.80
CA GLY A 151 3.21 22.05 -16.25
C GLY A 151 4.11 22.88 -15.34
N GLY A 152 3.83 22.84 -14.05
CA GLY A 152 4.66 23.50 -13.06
C GLY A 152 4.22 24.89 -12.67
N SER A 153 3.18 25.41 -13.33
CA SER A 153 2.69 26.76 -13.07
C SER A 153 1.74 26.79 -11.90
N ARG A 154 2.07 27.57 -10.88
CA ARG A 154 1.17 27.69 -9.75
C ARG A 154 0.07 28.72 -10.09
N ASN A 155 -0.86 28.32 -10.95
CA ASN A 155 -1.86 29.24 -11.48
C ASN A 155 -3.28 28.94 -10.98
N PHE A 156 -3.35 28.14 -9.92
CA PHE A 156 -4.62 27.69 -9.31
C PHE A 156 -5.12 28.71 -8.29
N TYR A 157 -6.32 28.46 -7.76
CA TYR A 157 -6.83 29.23 -6.62
C TYR A 157 -6.32 28.56 -5.35
N PRO A 158 -5.44 29.24 -4.60
CA PRO A 158 -4.81 28.58 -3.45
C PRO A 158 -5.74 28.51 -2.26
N LEU A 159 -5.70 27.39 -1.55
CA LEU A 159 -6.51 27.18 -0.36
C LEU A 159 -5.63 26.84 0.82
N LYS A 160 -6.00 27.30 2.01
CA LYS A 160 -5.19 27.11 3.21
C LYS A 160 -5.68 25.96 4.08
N SER A 161 -6.87 25.45 3.78
CA SER A 161 -7.48 24.43 4.61
C SER A 161 -8.63 23.75 3.88
N ARG A 162 -9.08 22.63 4.41
CA ARG A 162 -10.27 22.01 3.86
C ARG A 162 -11.46 22.94 4.04
N GLN A 163 -11.53 23.65 5.16
CA GLN A 163 -12.68 24.53 5.37
C GLN A 163 -12.73 25.63 4.29
N GLU A 164 -11.58 26.15 3.89
CA GLU A 164 -11.55 27.16 2.85
C GLU A 164 -12.00 26.53 1.51
N MET A 165 -11.60 25.28 1.30
CA MET A 165 -12.03 24.51 0.13
C MET A 165 -13.56 24.40 0.08
N TYR A 166 -14.20 23.93 1.16
CA TYR A 166 -15.66 23.78 1.17
C TYR A 166 -16.35 25.14 1.00
N ASP A 167 -15.90 26.13 1.76
CA ASP A 167 -16.53 27.44 1.75
C ASP A 167 -16.46 28.03 0.34
N SER A 168 -15.34 27.78 -0.34
CA SER A 168 -15.11 28.38 -1.65
C SER A 168 -15.96 27.73 -2.73
N LEU A 169 -16.09 26.40 -2.63
CA LEU A 169 -16.98 25.66 -3.51
C LEU A 169 -18.42 26.09 -3.30
N LEU A 170 -18.82 26.19 -2.03
CA LEU A 170 -20.23 26.53 -1.76
C LEU A 170 -20.55 27.96 -2.14
N ALA A 171 -19.59 28.86 -2.02
CA ALA A 171 -19.82 30.26 -2.39
C ALA A 171 -19.70 30.49 -3.90
N GLY A 172 -19.29 29.47 -4.65
CA GLY A 172 -19.16 29.58 -6.09
C GLY A 172 -17.90 30.31 -6.55
N ILE A 173 -16.89 30.36 -5.70
CA ILE A 173 -15.61 31.01 -6.04
C ILE A 173 -14.74 30.04 -6.85
N ILE A 174 -14.82 28.75 -6.52
CA ILE A 174 -14.19 27.70 -7.33
C ILE A 174 -15.25 26.68 -7.79
N ASP A 175 -14.91 25.92 -8.83
CA ASP A 175 -15.78 24.88 -9.36
C ASP A 175 -15.36 23.47 -8.96
N VAL A 176 -14.09 23.26 -8.66
CA VAL A 176 -13.61 21.92 -8.30
C VAL A 176 -12.42 22.00 -7.39
N SER A 177 -12.20 20.92 -6.63
CA SER A 177 -10.93 20.69 -5.92
C SER A 177 -10.65 19.18 -5.88
N PHE A 178 -9.60 18.80 -5.16
CA PHE A 178 -9.20 17.40 -5.02
C PHE A 178 -9.24 17.02 -3.55
N MET A 179 -9.63 15.78 -3.27
CA MET A 179 -9.57 15.21 -1.94
C MET A 179 -9.08 13.77 -2.02
N ASP A 180 -8.50 13.28 -0.92
CA ASP A 180 -8.26 11.84 -0.74
C ASP A 180 -9.61 11.12 -0.66
N ILE A 181 -9.65 9.89 -1.14
CA ILE A 181 -10.91 9.16 -1.29
C ILE A 181 -11.64 8.92 0.03
N GLY A 182 -10.92 8.57 1.09
CA GLY A 182 -11.56 8.22 2.34
C GLY A 182 -12.31 9.40 2.92
N THR A 183 -11.63 10.51 3.06
CA THR A 183 -12.27 11.73 3.58
C THR A 183 -13.26 12.32 2.58
N ALA A 184 -12.98 12.22 1.28
CA ALA A 184 -13.93 12.73 0.31
C ALA A 184 -15.28 12.06 0.45
N GLU A 185 -15.24 10.74 0.57
CA GLU A 185 -16.48 9.98 0.78
C GLU A 185 -17.14 10.36 2.09
N TYR A 186 -16.34 10.48 3.15
CA TYR A 186 -16.94 10.77 4.44
C TYR A 186 -17.66 12.11 4.43
N VAL A 187 -17.00 13.13 3.92
CA VAL A 187 -17.56 14.47 3.98
CA VAL A 187 -17.56 14.47 3.97
C VAL A 187 -18.77 14.62 3.07
N THR A 188 -18.72 14.05 1.87
CA THR A 188 -19.87 14.17 0.96
C THR A 188 -21.04 13.27 1.35
N ASN A 189 -20.77 12.24 2.16
CA ASN A 189 -21.83 11.36 2.63
C ASN A 189 -22.37 11.77 4.00
N ASN A 190 -21.72 12.71 4.69
CA ASN A 190 -22.16 13.02 6.06
C ASN A 190 -22.29 14.48 6.46
N ILE A 191 -21.59 15.36 5.76
CA ILE A 191 -21.52 16.75 6.17
C ILE A 191 -22.03 17.71 5.11
N TYR A 192 -21.51 17.58 3.90
CA TYR A 192 -21.90 18.43 2.79
C TYR A 192 -22.67 17.65 1.73
N CYS A 193 -23.98 17.54 1.93
CA CYS A 193 -24.80 16.69 1.10
C CYS A 193 -25.00 17.26 -0.30
N ASN A 194 -24.62 18.53 -0.50
CA ASN A 194 -24.79 19.16 -1.80
C ASN A 194 -23.49 19.21 -2.57
N LEU A 195 -22.44 18.61 -2.02
CA LEU A 195 -21.19 18.42 -2.76
C LEU A 195 -21.15 16.97 -3.21
N THR A 196 -20.33 16.68 -4.21
CA THR A 196 -20.27 15.33 -4.72
C THR A 196 -18.89 15.05 -5.33
N LEU A 197 -18.65 13.78 -5.63
CA LEU A 197 -17.40 13.34 -6.23
C LEU A 197 -17.67 12.91 -7.67
N VAL A 198 -16.67 13.07 -8.53
CA VAL A 198 -16.85 12.74 -9.93
C VAL A 198 -15.54 12.20 -10.52
N GLY A 199 -15.67 11.31 -11.52
CA GLY A 199 -14.49 10.83 -12.23
C GLY A 199 -13.85 9.60 -11.61
N GLU A 200 -12.87 9.07 -12.34
CA GLU A 200 -12.09 7.95 -11.86
C GLU A 200 -11.15 8.41 -10.76
N ASP A 201 -10.80 7.53 -9.83
N ASP A 201 -10.81 7.48 -9.87
CA ASP A 201 -9.83 7.89 -8.80
CA ASP A 201 -9.79 7.73 -8.86
C ASP A 201 -8.44 7.89 -9.41
C ASP A 201 -8.51 8.11 -9.61
N PHE A 202 -7.62 8.81 -8.95
CA PHE A 202 -6.30 9.09 -9.52
C PHE A 202 -5.21 9.17 -8.43
N ASP A 203 -3.97 9.09 -8.85
CA ASP A 203 -2.83 9.19 -7.93
C ASP A 203 -2.86 8.16 -6.81
N LYS A 204 -2.97 6.89 -7.20
CA LYS A 204 -2.95 5.82 -6.21
C LYS A 204 -1.66 5.95 -5.39
N SER A 205 -1.82 5.85 -4.07
CA SER A 205 -0.76 6.12 -3.16
C SER A 205 -1.02 5.38 -1.86
N THR A 206 -0.24 5.72 -0.83
CA THR A 206 -0.43 5.15 0.48
C THR A 206 -0.28 6.22 1.54
N PHE A 207 -0.81 5.95 2.71
CA PHE A 207 -0.60 6.76 3.91
C PHE A 207 0.41 6.01 4.80
N GLY A 208 1.32 6.73 5.41
CA GLY A 208 2.27 6.13 6.33
C GLY A 208 2.51 7.05 7.51
N ILE A 209 2.99 6.48 8.62
CA ILE A 209 3.40 7.26 9.76
C ILE A 209 4.75 7.84 9.46
N VAL A 210 4.87 9.14 9.68
CA VAL A 210 6.13 9.83 9.44
C VAL A 210 7.07 9.62 10.61
N THR A 211 8.33 9.27 10.31
CA THR A 211 9.35 9.13 11.33
C THR A 211 10.64 9.79 10.87
N PRO A 212 11.60 9.97 11.78
CA PRO A 212 12.90 10.47 11.33
C PRO A 212 13.57 9.45 10.41
N LYS A 213 14.43 9.92 9.51
CA LYS A 213 15.25 9.00 8.73
C LYS A 213 16.18 8.23 9.66
N GLU A 214 16.47 6.99 9.29
CA GLU A 214 17.36 6.11 10.06
C GLU A 214 16.96 6.03 11.53
N TRP A 215 15.66 5.88 11.78
CA TRP A 215 15.14 5.93 13.14
C TRP A 215 15.48 4.66 13.89
N LEU A 216 15.90 4.80 15.15
CA LEU A 216 16.21 3.66 16.04
C LEU A 216 15.04 2.69 16.22
N TYR A 217 13.81 3.19 16.13
CA TYR A 217 12.62 2.42 16.51
C TYR A 217 11.84 1.91 15.27
N ALA A 218 12.44 1.99 14.08
CA ALA A 218 11.71 1.71 12.83
C ALA A 218 11.08 0.32 12.79
N LYS A 219 11.87 -0.68 13.13
CA LYS A 219 11.39 -2.05 13.08
C LYS A 219 10.25 -2.29 14.06
N ASP A 220 10.38 -1.80 15.30
CA ASP A 220 9.33 -2.00 16.32
C ASP A 220 8.01 -1.46 15.78
N LEU A 221 8.04 -0.25 15.24
CA LEU A 221 6.80 0.35 14.75
C LEU A 221 6.23 -0.43 13.57
N ASP A 222 7.08 -0.76 12.60
CA ASP A 222 6.63 -1.46 11.41
C ASP A 222 6.03 -2.83 11.73
N VAL A 223 6.70 -3.62 12.57
CA VAL A 223 6.16 -4.92 12.94
C VAL A 223 4.78 -4.79 13.58
N ASN A 224 4.61 -3.78 14.42
CA ASN A 224 3.34 -3.60 15.09
C ASN A 224 2.24 -3.11 14.17
N ILE A 225 2.55 -2.19 13.25
CA ILE A 225 1.55 -1.83 12.24
C ILE A 225 1.10 -3.04 11.43
N LEU A 226 2.05 -3.84 10.99
CA LEU A 226 1.73 -5.01 10.19
C LEU A 226 0.89 -6.04 10.96
N SER A 227 1.19 -6.17 12.24
CA SER A 227 0.40 -7.02 13.10
C SER A 227 -1.05 -6.50 13.24
N LEU A 228 -1.21 -5.19 13.39
CA LEU A 228 -2.58 -4.64 13.42
C LEU A 228 -3.31 -4.92 12.09
N ARG A 229 -2.60 -4.85 10.98
CA ARG A 229 -3.14 -5.17 9.66
CA ARG A 229 -3.22 -5.18 9.71
C ARG A 229 -3.64 -6.63 9.67
N GLU A 230 -2.72 -7.53 10.00
CA GLU A 230 -2.96 -8.98 9.92
C GLU A 230 -4.10 -9.44 10.82
N THR A 231 -4.22 -8.81 11.98
CA THR A 231 -5.23 -9.21 12.96
C THR A 231 -6.58 -8.50 12.76
N GLY A 232 -6.66 -7.68 11.72
CA GLY A 232 -7.90 -7.03 11.30
C GLY A 232 -8.25 -5.75 12.02
N ILE A 233 -7.35 -5.24 12.87
CA ILE A 233 -7.62 -4.03 13.65
C ILE A 233 -7.75 -2.81 12.74
N LEU A 234 -6.89 -2.72 11.72
CA LEU A 234 -6.95 -1.57 10.83
C LEU A 234 -8.28 -1.58 10.07
N ASP A 235 -8.73 -2.75 9.66
CA ASP A 235 -10.05 -2.92 9.02
C ASP A 235 -11.17 -2.50 9.96
N ASN A 236 -11.07 -2.88 11.23
CA ASN A 236 -12.09 -2.56 12.24
C ASN A 236 -12.16 -1.05 12.44
N LEU A 237 -10.99 -0.41 12.46
CA LEU A 237 -10.92 1.03 12.71
C LEU A 237 -11.51 1.80 11.53
N LYS A 238 -11.22 1.34 10.31
CA LYS A 238 -11.77 1.97 9.11
C LYS A 238 -13.30 1.86 9.11
N LYS A 239 -13.80 0.68 9.46
CA LYS A 239 -15.24 0.50 9.50
C LYS A 239 -15.88 1.42 10.54
N LYS A 240 -15.26 1.49 11.71
CA LYS A 240 -15.80 2.27 12.82
C LYS A 240 -15.98 3.75 12.44
N TRP A 241 -14.98 4.31 11.77
CA TRP A 241 -14.94 5.75 11.56
C TRP A 241 -15.48 6.17 10.20
N PHE A 242 -15.43 5.28 9.21
CA PHE A 242 -15.78 5.66 7.85
C PHE A 242 -17.11 5.10 7.28
N GLN A 243 -17.73 4.10 7.90
N GLN A 243 -17.71 4.10 7.92
CA GLN A 243 -18.92 3.50 7.30
CA GLN A 243 -18.92 3.48 7.34
C GLN A 243 -20.17 4.40 7.27
C GLN A 243 -20.16 4.39 7.28
N THR A 244 -20.18 5.49 8.02
CA THR A 244 -21.39 6.27 8.21
C THR A 244 -21.85 6.99 6.93
N LYS A 245 -23.16 7.11 6.77
CA LYS A 245 -23.73 7.92 5.68
C LYS A 245 -25.00 8.65 6.20
N ALA A 246 -24.84 9.86 6.72
CA ALA A 246 -25.96 10.65 7.26
C ALA A 246 -26.83 11.28 6.15
N CYS A 247 -26.22 11.63 5.02
CA CYS A 247 -26.94 12.32 3.96
C CYS A 247 -28.02 11.44 3.34
N PRO A 248 -29.17 12.03 3.01
CA PRO A 248 -30.29 11.24 2.49
C PRO A 248 -30.01 10.66 1.11
N GLY B 1 24.27 6.00 8.43
CA GLY B 1 24.26 6.97 7.30
C GLY B 1 23.51 6.45 6.09
N SER B 2 23.62 7.18 4.99
CA SER B 2 22.98 6.78 3.72
C SER B 2 23.95 7.01 2.57
N ALA B 3 23.67 6.38 1.44
CA ALA B 3 24.50 6.53 0.25
C ALA B 3 23.73 6.16 -0.99
N ARG B 4 24.30 6.44 -2.15
CA ARG B 4 23.64 6.13 -3.42
C ARG B 4 24.14 4.80 -4.00
N LEU B 5 23.28 4.13 -4.77
CA LEU B 5 23.63 2.83 -5.35
C LEU B 5 24.47 2.93 -6.63
N LYS B 6 24.76 4.14 -7.06
CA LYS B 6 25.54 4.35 -8.29
CA LYS B 6 25.55 4.35 -8.29
C LYS B 6 26.88 3.59 -8.25
N GLY B 7 27.10 2.73 -9.24
CA GLY B 7 28.35 1.98 -9.35
C GLY B 7 28.39 0.64 -8.59
N ILE B 8 27.44 0.46 -7.68
CA ILE B 8 27.41 -0.71 -6.80
C ILE B 8 26.83 -1.93 -7.51
N THR B 9 27.38 -3.12 -7.27
CA THR B 9 26.76 -4.35 -7.76
C THR B 9 25.76 -4.87 -6.72
N LEU B 10 24.53 -5.08 -7.14
CA LEU B 10 23.54 -5.70 -6.27
C LEU B 10 23.21 -7.08 -6.76
N ARG B 11 23.31 -8.05 -5.86
CA ARG B 11 22.80 -9.38 -6.10
C ARG B 11 21.30 -9.31 -5.83
N ILE B 12 20.50 -9.47 -6.87
CA ILE B 12 19.06 -9.30 -6.79
C ILE B 12 18.38 -10.64 -6.90
N GLY B 13 17.79 -11.10 -5.80
CA GLY B 13 17.06 -12.36 -5.83
C GLY B 13 15.69 -12.21 -6.46
N VAL B 14 15.32 -13.13 -7.34
CA VAL B 14 14.01 -13.15 -7.98
C VAL B 14 13.46 -14.56 -7.88
N ILE B 15 12.16 -14.70 -8.04
CA ILE B 15 11.49 -15.98 -7.83
C ILE B 15 10.47 -16.16 -8.95
N GLU B 16 10.45 -17.35 -9.55
CA GLU B 16 9.63 -17.59 -10.72
CA GLU B 16 9.63 -17.60 -10.72
C GLU B 16 8.16 -17.42 -10.37
N SER B 17 7.47 -16.61 -11.18
CA SER B 17 6.06 -16.30 -10.99
C SER B 17 5.55 -15.50 -12.19
N VAL B 18 4.84 -16.16 -13.08
CA VAL B 18 4.40 -15.51 -14.30
C VAL B 18 3.24 -14.57 -13.95
N PRO B 19 3.25 -13.33 -14.47
CA PRO B 19 4.17 -12.67 -15.38
C PRO B 19 5.14 -11.71 -14.67
N PHE B 20 5.32 -11.88 -13.36
CA PHE B 20 6.32 -11.10 -12.65
C PHE B 20 7.76 -11.48 -13.09
N THR B 21 8.08 -12.76 -12.97
CA THR B 21 9.38 -13.26 -13.34
C THR B 21 9.14 -14.53 -14.15
N ILE B 22 9.44 -14.47 -15.43
CA ILE B 22 9.17 -15.53 -16.39
C ILE B 22 10.49 -16.12 -16.80
N VAL B 23 10.62 -17.44 -16.69
CA VAL B 23 11.86 -18.14 -16.95
C VAL B 23 11.67 -18.94 -18.22
N ALA B 24 12.46 -18.65 -19.24
CA ALA B 24 12.35 -19.39 -20.48
C ALA B 24 13.63 -20.16 -20.69
N ASN B 25 13.51 -21.44 -21.06
CA ASN B 25 14.66 -22.21 -21.49
C ASN B 25 14.89 -21.96 -22.96
N VAL B 26 16.15 -21.79 -23.30
CA VAL B 26 16.58 -21.41 -24.63
C VAL B 26 17.81 -22.24 -24.93
N ILE B 27 18.10 -22.47 -26.22
CA ILE B 27 19.35 -23.11 -26.64
C ILE B 27 20.00 -22.29 -27.75
N ASN B 33 22.44 -24.05 -24.45
CA ASN B 33 21.21 -23.99 -23.67
C ASN B 33 21.35 -23.13 -22.41
N THR B 34 20.45 -22.17 -22.28
CA THR B 34 20.51 -21.22 -21.19
C THR B 34 19.11 -20.78 -20.80
N THR B 35 19.02 -19.94 -19.77
CA THR B 35 17.73 -19.36 -19.38
C THR B 35 17.71 -17.88 -19.67
N LYS B 36 16.53 -17.38 -20.01
CA LYS B 36 16.31 -15.98 -20.24
C LYS B 36 15.15 -15.57 -19.31
N LEU B 37 15.37 -14.50 -18.55
CA LEU B 37 14.34 -13.96 -17.66
C LEU B 37 13.67 -12.75 -18.28
N THR B 38 12.35 -12.69 -18.17
CA THR B 38 11.58 -11.54 -18.62
C THR B 38 10.48 -11.31 -17.60
N GLY B 39 9.74 -10.22 -17.78
CA GLY B 39 8.56 -9.94 -16.98
C GLY B 39 8.55 -8.59 -16.29
N TYR B 40 7.45 -8.31 -15.60
CA TYR B 40 7.29 -7.09 -14.82
C TYR B 40 8.53 -6.81 -13.95
N VAL B 41 9.04 -7.84 -13.27
CA VAL B 41 10.17 -7.65 -12.36
C VAL B 41 11.45 -7.25 -13.10
N LEU B 42 11.70 -7.91 -14.22
CA LEU B 42 12.90 -7.60 -14.99
C LEU B 42 12.82 -6.20 -15.59
N ASP B 43 11.62 -5.78 -16.02
CA ASP B 43 11.46 -4.44 -16.54
C ASP B 43 11.62 -3.40 -15.43
N LEU B 44 11.13 -3.71 -14.23
CA LEU B 44 11.28 -2.83 -13.06
C LEU B 44 12.76 -2.65 -12.74
N ILE B 45 13.48 -3.76 -12.73
CA ILE B 45 14.90 -3.72 -12.48
C ILE B 45 15.61 -2.80 -13.47
N GLU B 46 15.23 -2.89 -14.74
CA GLU B 46 15.82 -2.06 -15.75
C GLU B 46 15.51 -0.58 -15.51
N TYR B 47 14.28 -0.23 -15.14
CA TYR B 47 13.99 1.17 -14.83
C TYR B 47 14.84 1.65 -13.67
N LEU B 48 14.97 0.85 -12.62
CA LEU B 48 15.77 1.24 -11.46
C LEU B 48 17.26 1.32 -11.84
N ARG B 49 17.75 0.35 -12.60
CA ARG B 49 19.17 0.31 -13.00
C ARG B 49 19.52 1.57 -13.81
N ASP B 50 18.64 1.92 -14.74
CA ASP B 50 18.86 3.08 -15.60
C ASP B 50 18.91 4.39 -14.81
N LYS B 51 18.01 4.51 -13.84
CA LYS B 51 17.93 5.71 -12.99
C LYS B 51 19.00 5.76 -11.89
N MET B 52 19.30 4.63 -11.27
CA MET B 52 20.14 4.57 -10.06
C MET B 52 21.61 4.19 -10.36
N GLY B 53 21.84 3.46 -11.45
CA GLY B 53 23.20 3.19 -11.90
C GLY B 53 23.95 2.02 -11.28
N PHE B 54 23.26 1.19 -10.50
CA PHE B 54 23.86 -0.05 -10.00
C PHE B 54 24.06 -1.05 -11.13
N VAL B 55 24.88 -2.08 -10.88
CA VAL B 55 25.00 -3.18 -11.81
C VAL B 55 24.10 -4.27 -11.28
N ALA B 56 23.17 -4.74 -12.09
CA ALA B 56 22.20 -5.72 -11.62
C ALA B 56 22.76 -7.13 -11.84
N ASP B 57 22.94 -7.88 -10.75
CA ASP B 57 23.28 -9.31 -10.82
C ASP B 57 22.07 -10.13 -10.39
N VAL B 58 21.24 -10.47 -11.37
CA VAL B 58 19.95 -11.09 -11.06
C VAL B 58 20.13 -12.60 -10.90
N GLN B 59 19.64 -13.10 -9.77
CA GLN B 59 19.80 -14.49 -9.39
CA GLN B 59 19.80 -14.49 -9.39
C GLN B 59 18.45 -15.13 -9.11
N LEU B 60 18.07 -16.09 -9.94
CA LEU B 60 16.81 -16.79 -9.76
C LEU B 60 16.93 -17.79 -8.62
N ALA B 61 15.96 -17.75 -7.71
CA ALA B 61 15.90 -18.70 -6.60
C ALA B 61 15.73 -20.12 -7.14
N PRO B 62 16.35 -21.09 -6.45
CA PRO B 62 16.24 -22.48 -6.89
C PRO B 62 14.79 -22.94 -6.99
N PRO B 63 14.57 -23.98 -7.79
CA PRO B 63 13.21 -24.50 -7.90
C PRO B 63 12.67 -24.90 -6.53
N ASN B 64 11.38 -24.63 -6.32
CA ASN B 64 10.67 -25.00 -5.09
C ASN B 64 11.01 -24.13 -3.88
N THR B 65 11.88 -23.13 -4.04
CA THR B 65 12.12 -22.14 -2.98
C THR B 65 10.78 -21.48 -2.68
N SER B 66 10.46 -21.33 -1.40
CA SER B 66 9.26 -20.61 -0.99
C SER B 66 9.55 -19.12 -0.85
N TYR B 67 8.51 -18.34 -0.64
CA TYR B 67 8.67 -16.91 -0.42
C TYR B 67 9.39 -16.63 0.90
N THR B 68 9.01 -17.35 1.95
CA THR B 68 9.75 -17.27 3.20
C THR B 68 11.22 -17.67 3.01
N GLY B 69 11.46 -18.71 2.23
CA GLY B 69 12.81 -19.18 1.96
C GLY B 69 13.67 -18.11 1.28
N LEU B 70 13.05 -17.38 0.37
CA LEU B 70 13.76 -16.29 -0.33
C LEU B 70 14.16 -15.21 0.68
N VAL B 71 13.22 -14.86 1.55
CA VAL B 71 13.46 -13.85 2.57
C VAL B 71 14.56 -14.28 3.54
N LEU B 72 14.50 -15.53 4.02
CA LEU B 72 15.54 -16.02 4.91
C LEU B 72 16.92 -16.07 4.24
N ALA B 73 16.95 -16.41 2.96
CA ALA B 73 18.20 -16.45 2.22
C ALA B 73 18.82 -15.07 2.17
N LEU B 74 18.01 -14.05 1.90
CA LEU B 74 18.49 -12.67 1.92
C LEU B 74 18.99 -12.31 3.30
N ALA B 75 18.22 -12.65 4.34
CA ALA B 75 18.63 -12.33 5.69
C ALA B 75 19.97 -12.99 6.05
N ASN B 76 20.25 -14.14 5.45
CA ASN B 76 21.50 -14.84 5.72
C ASN B 76 22.65 -14.36 4.83
N GLY B 77 22.39 -13.35 4.02
CA GLY B 77 23.41 -12.72 3.19
C GLY B 77 23.57 -13.25 1.77
N ASP B 78 22.63 -14.08 1.33
CA ASP B 78 22.72 -14.68 -0.01
C ASP B 78 22.42 -13.72 -1.15
N TYR B 79 21.67 -12.66 -0.87
CA TYR B 79 21.29 -11.65 -1.86
C TYR B 79 21.43 -10.33 -1.17
N ASP B 80 21.50 -9.24 -1.93
CA ASP B 80 21.48 -7.89 -1.38
C ASP B 80 20.04 -7.35 -1.29
N ILE B 81 19.27 -7.54 -2.34
CA ILE B 81 17.83 -7.22 -2.33
C ILE B 81 17.08 -8.36 -3.03
N ALA B 82 15.76 -8.41 -2.83
CA ALA B 82 14.92 -9.38 -3.53
C ALA B 82 13.68 -8.66 -4.03
N ILE B 83 13.33 -8.91 -5.28
CA ILE B 83 12.25 -8.20 -5.98
C ILE B 83 11.30 -9.22 -6.55
N GLY B 84 10.02 -9.04 -6.23
CA GLY B 84 9.00 -9.92 -6.76
C GLY B 84 7.64 -9.62 -6.16
N ASP B 85 6.76 -10.59 -6.32
CA ASP B 85 5.45 -10.57 -5.70
C ASP B 85 5.55 -11.06 -4.27
N ILE B 86 6.28 -10.30 -3.47
CA ILE B 86 6.66 -10.67 -2.11
C ILE B 86 5.85 -9.85 -1.13
N THR B 87 5.00 -10.51 -0.36
CA THR B 87 4.13 -9.81 0.57
C THR B 87 4.88 -9.33 1.81
N VAL B 88 4.58 -8.11 2.22
CA VAL B 88 5.10 -7.55 3.44
C VAL B 88 4.32 -8.14 4.62
N THR B 89 5.00 -8.84 5.53
CA THR B 89 4.38 -9.40 6.70
C THR B 89 5.15 -9.05 7.95
N SER B 90 4.47 -9.09 9.08
CA SER B 90 5.09 -8.76 10.37
C SER B 90 6.26 -9.70 10.71
N ALA B 91 6.10 -11.00 10.49
CA ALA B 91 7.18 -11.93 10.80
C ALA B 91 8.39 -11.66 9.93
N ARG B 92 8.14 -11.35 8.66
CA ARG B 92 9.27 -11.04 7.79
C ARG B 92 9.96 -9.74 8.18
N ARG B 93 9.16 -8.73 8.52
CA ARG B 93 9.71 -7.44 8.92
C ARG B 93 10.59 -7.52 10.18
N GLU B 94 10.41 -8.56 10.99
CA GLU B 94 11.30 -8.75 12.13
C GLU B 94 12.75 -9.01 11.71
N ILE B 95 12.95 -9.55 10.51
CA ILE B 95 14.29 -9.99 10.10
C ILE B 95 14.88 -9.29 8.85
N VAL B 96 14.03 -8.61 8.08
CA VAL B 96 14.44 -7.86 6.90
C VAL B 96 13.62 -6.58 6.85
N ALA B 97 14.09 -5.60 6.07
CA ALA B 97 13.28 -4.44 5.81
C ALA B 97 12.64 -4.54 4.43
N PHE B 98 11.67 -3.66 4.17
CA PHE B 98 11.00 -3.60 2.89
C PHE B 98 10.98 -2.18 2.40
N SER B 99 11.10 -2.02 1.09
CA SER B 99 10.94 -0.75 0.44
C SER B 99 9.52 -0.29 0.55
N ASN B 100 9.27 0.96 0.18
CA ASN B 100 7.90 1.39 -0.08
C ASN B 100 7.22 0.42 -1.01
N SER B 101 5.92 0.27 -0.87
CA SER B 101 5.11 -0.66 -1.66
CA SER B 101 5.25 -0.74 -1.64
C SER B 101 5.27 -0.47 -3.15
N ILE B 102 5.45 -1.54 -3.90
CA ILE B 102 5.40 -1.48 -5.34
C ILE B 102 4.01 -1.82 -5.89
N SER B 103 3.12 -2.38 -5.05
CA SER B 103 1.78 -2.72 -5.50
C SER B 103 0.91 -3.01 -4.29
N ASP B 104 -0.37 -2.69 -4.40
CA ASP B 104 -1.34 -3.21 -3.44
C ASP B 104 -1.52 -4.69 -3.77
N ASN B 105 -2.15 -5.44 -2.87
CA ASN B 105 -2.37 -6.84 -3.08
C ASN B 105 -3.52 -7.33 -2.22
N SER B 106 -4.09 -8.45 -2.63
CA SER B 106 -5.07 -9.18 -1.83
C SER B 106 -5.05 -10.61 -2.38
N MET B 107 -5.80 -11.52 -1.75
CA MET B 107 -5.83 -12.91 -2.19
C MET B 107 -7.22 -13.30 -2.67
N ARG B 108 -7.25 -14.32 -3.51
CA ARG B 108 -8.47 -14.92 -4.01
C ARG B 108 -8.44 -16.43 -3.82
N ILE B 109 -9.63 -17.02 -3.72
CA ILE B 109 -9.76 -18.46 -3.74
C ILE B 109 -9.75 -19.03 -5.18
N LEU B 110 -8.91 -20.04 -5.41
CA LEU B 110 -8.77 -20.70 -6.70
C LEU B 110 -9.35 -22.10 -6.62
N MET B 111 -10.15 -22.47 -7.62
CA MET B 111 -10.72 -23.80 -7.69
C MET B 111 -10.95 -24.25 -9.13
N ARG B 112 -11.30 -25.53 -9.30
N ARG B 112 -11.27 -25.52 -9.29
CA ARG B 112 -11.69 -26.07 -10.59
CA ARG B 112 -11.76 -26.06 -10.55
C ARG B 112 -13.14 -25.66 -10.89
C ARG B 112 -13.14 -25.49 -10.85
N LYS B 113 -13.42 -25.23 -12.12
CA LYS B 113 -14.78 -24.87 -12.48
C LYS B 113 -15.69 -26.05 -12.14
N GLY B 114 -16.88 -25.72 -11.64
CA GLY B 114 -17.87 -26.75 -11.32
C GLY B 114 -17.84 -27.24 -9.88
N THR B 115 -16.74 -26.95 -9.18
CA THR B 115 -16.64 -27.24 -7.75
C THR B 115 -17.69 -26.44 -6.96
N LEU B 116 -18.35 -27.11 -6.02
CA LEU B 116 -19.47 -26.50 -5.30
C LEU B 116 -18.96 -25.74 -4.08
N ILE B 117 -18.36 -24.59 -4.34
CA ILE B 117 -17.80 -23.69 -3.31
C ILE B 117 -18.27 -22.28 -3.68
N ASP B 118 -18.88 -21.57 -2.74
CA ASP B 118 -19.35 -20.19 -2.98
C ASP B 118 -18.39 -19.14 -2.46
N GLY B 119 -17.54 -19.50 -1.51
CA GLY B 119 -16.57 -18.55 -1.01
C GLY B 119 -15.92 -18.98 0.28
N MET B 120 -15.34 -18.01 0.99
CA MET B 120 -14.54 -18.33 2.18
C MET B 120 -15.37 -18.92 3.31
N ASP B 121 -16.66 -18.62 3.35
CA ASP B 121 -17.50 -19.21 4.37
C ASP B 121 -17.45 -20.74 4.30
N ASP B 122 -17.37 -21.27 3.09
CA ASP B 122 -17.35 -22.73 2.94
C ASP B 122 -16.09 -23.34 3.56
N LEU B 123 -14.96 -22.66 3.43
CA LEU B 123 -13.71 -23.13 4.02
C LEU B 123 -13.77 -23.05 5.54
N LYS B 124 -14.29 -21.94 6.05
CA LYS B 124 -14.31 -21.72 7.50
C LYS B 124 -15.38 -22.54 8.21
N ASN B 125 -16.40 -22.99 7.48
CA ASN B 125 -17.49 -23.78 8.06
C ASN B 125 -17.26 -25.29 7.91
N GLY B 126 -16.14 -25.67 7.32
CA GLY B 126 -15.76 -27.08 7.24
C GLY B 126 -16.44 -27.85 6.13
N LYS B 127 -16.90 -27.13 5.10
CA LYS B 127 -17.56 -27.79 3.98
C LYS B 127 -16.55 -28.62 3.16
N ILE B 128 -15.29 -28.16 3.21
CA ILE B 128 -14.19 -28.82 2.53
C ILE B 128 -13.28 -29.46 3.58
N PRO B 129 -12.99 -30.77 3.42
CA PRO B 129 -12.03 -31.44 4.30
C PRO B 129 -10.72 -30.65 4.33
N TYR B 130 -10.11 -30.45 5.49
CA TYR B 130 -8.94 -29.57 5.54
C TYR B 130 -7.80 -30.12 4.69
N ASN B 131 -7.66 -31.44 4.63
CA ASN B 131 -6.60 -32.00 3.80
C ASN B 131 -6.89 -31.92 2.30
N ARG B 132 -8.00 -31.30 1.92
CA ARG B 132 -8.24 -31.00 0.52
C ARG B 132 -8.17 -29.50 0.22
N ILE B 133 -7.71 -28.74 1.22
CA ILE B 133 -7.33 -27.34 1.00
C ILE B 133 -5.83 -27.32 0.81
N GLY B 134 -5.38 -27.01 -0.39
CA GLY B 134 -3.96 -26.97 -0.69
C GLY B 134 -3.36 -25.61 -0.36
N ILE B 135 -2.24 -25.62 0.36
CA ILE B 135 -1.59 -24.38 0.76
C ILE B 135 -0.09 -24.53 0.51
N ARG B 136 0.48 -23.55 -0.17
CA ARG B 136 1.92 -23.51 -0.37
C ARG B 136 2.63 -23.11 0.91
N ILE B 137 3.50 -23.98 1.42
CA ILE B 137 4.20 -23.67 2.65
C ILE B 137 5.14 -22.50 2.42
N GLY B 138 5.37 -21.73 3.45
CA GLY B 138 6.27 -20.57 3.33
C GLY B 138 5.73 -19.45 2.47
N THR B 139 4.43 -19.19 2.60
CA THR B 139 3.75 -18.11 1.92
C THR B 139 2.78 -17.38 2.85
N ALA B 140 2.40 -16.17 2.45
CA ALA B 140 1.38 -15.44 3.18
C ALA B 140 0.02 -16.16 3.20
N GLY B 141 -0.26 -16.98 2.20
CA GLY B 141 -1.44 -17.79 2.18
C GLY B 141 -1.42 -18.75 3.35
N GLU B 142 -0.27 -19.33 3.64
CA GLU B 142 -0.15 -20.21 4.80
C GLU B 142 -0.39 -19.43 6.09
N ASP B 143 0.17 -18.23 6.17
CA ASP B 143 -0.04 -17.38 7.33
C ASP B 143 -1.53 -17.13 7.57
N TYR B 144 -2.25 -16.74 6.52
CA TYR B 144 -3.67 -16.51 6.59
C TYR B 144 -4.39 -17.79 7.06
N TYR B 145 -4.09 -18.91 6.40
CA TYR B 145 -4.75 -20.15 6.75
C TYR B 145 -4.59 -20.47 8.22
N LEU B 146 -3.36 -20.41 8.71
CA LEU B 146 -3.10 -20.77 10.10
C LEU B 146 -3.75 -19.82 11.10
N ARG B 147 -3.85 -18.54 10.74
CA ARG B 147 -4.48 -17.53 11.60
C ARG B 147 -6.01 -17.58 11.58
N GLU B 148 -6.61 -17.78 10.41
CA GLU B 148 -8.05 -17.54 10.22
C GLU B 148 -8.91 -18.79 10.02
N ILE B 149 -8.29 -19.87 9.57
CA ILE B 149 -9.03 -21.08 9.26
C ILE B 149 -8.82 -22.17 10.29
N SER B 150 -7.57 -22.53 10.54
CA SER B 150 -7.30 -23.76 11.30
C SER B 150 -6.86 -23.55 12.75
N GLY B 151 -6.78 -22.30 13.19
CA GLY B 151 -6.32 -22.01 14.55
C GLY B 151 -4.93 -22.54 14.90
N GLY B 152 -4.02 -22.51 13.93
CA GLY B 152 -2.63 -22.85 14.18
C GLY B 152 -2.23 -24.24 13.72
N SER B 153 -3.23 -25.05 13.40
CA SER B 153 -2.98 -26.43 13.01
C SER B 153 -2.61 -26.52 11.56
N ARG B 154 -1.50 -27.18 11.28
CA ARG B 154 -1.07 -27.42 9.91
C ARG B 154 -1.76 -28.64 9.31
N ASN B 155 -3.06 -28.50 9.05
CA ASN B 155 -3.86 -29.62 8.58
C ASN B 155 -4.29 -29.50 7.12
N PHE B 156 -3.67 -28.56 6.40
CA PHE B 156 -3.85 -28.43 4.95
C PHE B 156 -3.01 -29.44 4.18
N TYR B 157 -3.29 -29.56 2.89
CA TYR B 157 -2.46 -30.35 1.97
C TYR B 157 -1.30 -29.45 1.57
N PRO B 158 -0.07 -29.79 2.00
CA PRO B 158 1.03 -28.87 1.71
C PRO B 158 1.44 -28.92 0.25
N LEU B 159 1.85 -27.77 -0.28
CA LEU B 159 2.27 -27.62 -1.67
C LEU B 159 3.64 -26.95 -1.74
N LYS B 160 4.47 -27.39 -2.67
CA LYS B 160 5.83 -26.87 -2.76
C LYS B 160 5.99 -25.74 -3.78
N SER B 161 4.98 -25.54 -4.62
CA SER B 161 5.08 -24.59 -5.74
C SER B 161 3.72 -24.31 -6.35
N ARG B 162 3.62 -23.26 -7.15
CA ARG B 162 2.38 -23.04 -7.89
C ARG B 162 2.10 -24.20 -8.83
N GLN B 163 3.13 -24.74 -9.45
CA GLN B 163 2.90 -25.85 -10.36
C GLN B 163 2.25 -27.05 -9.66
N GLU B 164 2.70 -27.37 -8.45
CA GLU B 164 2.06 -28.46 -7.73
C GLU B 164 0.61 -28.09 -7.41
N MET B 165 0.37 -26.83 -7.09
CA MET B 165 -0.99 -26.34 -6.84
C MET B 165 -1.92 -26.62 -8.04
N TYR B 166 -1.50 -26.19 -9.22
CA TYR B 166 -2.33 -26.36 -10.41
C TYR B 166 -2.52 -27.84 -10.72
N ASP B 167 -1.44 -28.62 -10.61
CA ASP B 167 -1.52 -30.03 -10.96
C ASP B 167 -2.46 -30.77 -10.03
N SER B 168 -2.47 -30.39 -8.75
CA SER B 168 -3.26 -31.10 -7.76
C SER B 168 -4.73 -30.73 -7.90
N LEU B 169 -5.00 -29.47 -8.22
CA LEU B 169 -6.37 -29.07 -8.51
C LEU B 169 -6.90 -29.81 -9.72
N LEU B 170 -6.12 -29.84 -10.78
CA LEU B 170 -6.59 -30.47 -12.01
C LEU B 170 -6.79 -31.98 -11.82
N ALA B 171 -5.96 -32.60 -10.99
CA ALA B 171 -6.03 -34.04 -10.72
C ALA B 171 -7.08 -34.40 -9.66
N GLY B 172 -7.63 -33.38 -9.00
CA GLY B 172 -8.69 -33.60 -8.03
C GLY B 172 -8.14 -34.07 -6.69
N ILE B 173 -6.87 -33.79 -6.44
CA ILE B 173 -6.25 -34.17 -5.17
C ILE B 173 -6.60 -33.14 -4.09
N ILE B 174 -6.76 -31.89 -4.51
CA ILE B 174 -7.25 -30.82 -3.63
C ILE B 174 -8.43 -30.15 -4.31
N ASP B 175 -9.23 -29.44 -3.52
CA ASP B 175 -10.43 -28.78 -4.02
C ASP B 175 -10.28 -27.29 -4.18
N VAL B 176 -9.33 -26.71 -3.45
N VAL B 176 -9.42 -26.68 -3.37
CA VAL B 176 -9.18 -25.28 -3.41
CA VAL B 176 -9.15 -25.25 -3.46
C VAL B 176 -7.79 -24.86 -2.95
C VAL B 176 -7.74 -24.91 -3.04
N SER B 177 -7.35 -23.69 -3.39
CA SER B 177 -6.14 -23.08 -2.86
C SER B 177 -6.30 -21.54 -2.89
N PHE B 178 -5.22 -20.86 -2.50
CA PHE B 178 -5.21 -19.40 -2.43
C PHE B 178 -4.14 -18.88 -3.37
N MET B 179 -4.43 -17.75 -4.01
CA MET B 179 -3.44 -17.02 -4.80
C MET B 179 -3.55 -15.52 -4.57
N ASP B 180 -2.45 -14.80 -4.83
CA ASP B 180 -2.52 -13.34 -4.89
C ASP B 180 -3.37 -12.92 -6.08
N ILE B 181 -4.06 -11.80 -5.98
CA ILE B 181 -5.07 -11.45 -6.95
C ILE B 181 -4.49 -11.20 -8.36
N GLY B 182 -3.34 -10.55 -8.43
CA GLY B 182 -2.74 -10.27 -9.74
C GLY B 182 -2.47 -11.53 -10.54
N THR B 183 -1.70 -12.44 -9.96
CA THR B 183 -1.39 -13.68 -10.64
C THR B 183 -2.62 -14.60 -10.75
N ALA B 184 -3.49 -14.55 -9.76
CA ALA B 184 -4.73 -15.35 -9.83
C ALA B 184 -5.54 -15.04 -11.08
N GLU B 185 -5.73 -13.75 -11.33
CA GLU B 185 -6.42 -13.32 -12.53
C GLU B 185 -5.64 -13.72 -13.76
N TYR B 186 -4.33 -13.49 -13.73
CA TYR B 186 -3.52 -13.77 -14.91
C TYR B 186 -3.62 -15.23 -15.32
N VAL B 187 -3.41 -16.15 -14.38
N VAL B 187 -3.43 -16.11 -14.35
CA VAL B 187 -3.35 -17.57 -14.75
CA VAL B 187 -3.34 -17.54 -14.64
C VAL B 187 -4.72 -18.11 -15.12
C VAL B 187 -4.69 -18.12 -15.06
N THR B 188 -5.77 -17.67 -14.43
CA THR B 188 -7.12 -18.13 -14.78
C THR B 188 -7.64 -17.50 -16.07
N ASN B 189 -7.09 -16.36 -16.46
CA ASN B 189 -7.52 -15.72 -17.71
C ASN B 189 -6.63 -16.08 -18.89
N ASN B 190 -5.48 -16.70 -18.64
CA ASN B 190 -4.51 -16.93 -19.70
C ASN B 190 -3.93 -18.33 -19.84
N ILE B 191 -3.90 -19.10 -18.77
CA ILE B 191 -3.22 -20.40 -18.79
C ILE B 191 -4.17 -21.57 -18.48
N TYR B 192 -4.87 -21.50 -17.35
CA TYR B 192 -5.75 -22.58 -16.93
C TYR B 192 -7.20 -22.16 -17.09
N CYS B 193 -7.76 -22.39 -18.29
CA CYS B 193 -9.11 -21.96 -18.57
C CYS B 193 -10.15 -22.74 -17.79
N ASN B 194 -9.75 -23.88 -17.23
CA ASN B 194 -10.68 -24.72 -16.47
C ASN B 194 -10.59 -24.48 -14.96
N LEU B 195 -9.71 -23.56 -14.56
CA LEU B 195 -9.68 -23.11 -13.16
C LEU B 195 -10.40 -21.76 -13.07
N THR B 196 -10.88 -21.42 -11.88
CA THR B 196 -11.60 -20.17 -11.73
C THR B 196 -11.45 -19.61 -10.32
N LEU B 197 -11.86 -18.36 -10.16
CA LEU B 197 -11.78 -17.67 -8.87
C LEU B 197 -13.17 -17.57 -8.27
N VAL B 198 -13.27 -17.66 -6.95
CA VAL B 198 -14.57 -17.60 -6.29
C VAL B 198 -14.48 -16.76 -5.02
N GLY B 199 -15.57 -16.09 -4.68
CA GLY B 199 -15.63 -15.34 -3.44
C GLY B 199 -15.01 -13.96 -3.48
N GLU B 200 -15.09 -13.28 -2.33
CA GLU B 200 -14.54 -11.95 -2.17
C GLU B 200 -13.04 -12.02 -1.99
N ASP B 201 -12.34 -10.95 -2.35
CA ASP B 201 -10.91 -10.98 -2.10
C ASP B 201 -10.70 -10.77 -0.61
N PHE B 202 -9.54 -11.17 -0.12
CA PHE B 202 -9.28 -11.15 1.32
C PHE B 202 -7.80 -10.85 1.60
N ASP B 203 -7.49 -10.54 2.86
CA ASP B 203 -6.09 -10.29 3.27
C ASP B 203 -5.42 -9.17 2.47
N LYS B 204 -6.03 -8.00 2.48
CA LYS B 204 -5.47 -6.84 1.77
C LYS B 204 -4.07 -6.58 2.32
N SER B 205 -3.12 -6.38 1.41
CA SER B 205 -1.73 -6.35 1.77
C SER B 205 -0.94 -5.54 0.73
N THR B 206 0.38 -5.61 0.81
CA THR B 206 1.23 -4.92 -0.15
C THR B 206 2.41 -5.80 -0.52
N PHE B 207 3.02 -5.53 -1.68
CA PHE B 207 4.27 -6.12 -2.07
C PHE B 207 5.36 -5.08 -1.92
N GLY B 208 6.53 -5.49 -1.44
CA GLY B 208 7.66 -4.58 -1.32
C GLY B 208 8.94 -5.26 -1.68
N ILE B 209 9.96 -4.47 -2.00
CA ILE B 209 11.27 -5.01 -2.25
C ILE B 209 11.96 -5.30 -0.92
N VAL B 210 12.50 -6.50 -0.78
CA VAL B 210 13.15 -6.92 0.43
C VAL B 210 14.57 -6.37 0.45
N THR B 211 14.96 -5.77 1.57
CA THR B 211 16.33 -5.28 1.75
C THR B 211 16.83 -5.69 3.12
N PRO B 212 18.13 -5.55 3.37
CA PRO B 212 18.62 -5.80 4.73
C PRO B 212 18.04 -4.77 5.69
N LYS B 213 17.89 -5.13 6.97
CA LYS B 213 17.53 -4.13 7.97
C LYS B 213 18.62 -3.05 8.05
N GLU B 214 18.18 -1.82 8.30
CA GLU B 214 19.06 -0.66 8.47
C GLU B 214 20.03 -0.49 7.29
N TRP B 215 19.50 -0.70 6.08
CA TRP B 215 20.31 -0.68 4.85
C TRP B 215 20.81 0.70 4.48
N LEU B 216 22.10 0.77 4.13
CA LEU B 216 22.71 2.04 3.73
C LEU B 216 21.95 2.77 2.61
N TYR B 217 21.31 2.02 1.73
CA TYR B 217 20.77 2.55 0.49
C TYR B 217 19.23 2.66 0.52
N ALA B 218 18.64 2.56 1.71
CA ALA B 218 17.18 2.53 1.85
C ALA B 218 16.51 3.75 1.21
N LYS B 219 17.04 4.94 1.53
CA LYS B 219 16.40 6.16 1.02
C LYS B 219 16.48 6.23 -0.51
N ASP B 220 17.64 5.92 -1.08
CA ASP B 220 17.82 5.98 -2.52
C ASP B 220 16.75 5.09 -3.19
N LEU B 221 16.63 3.87 -2.71
CA LEU B 221 15.67 2.93 -3.35
C LEU B 221 14.23 3.43 -3.19
N ASP B 222 13.88 3.86 -1.99
CA ASP B 222 12.51 4.31 -1.72
C ASP B 222 12.13 5.54 -2.58
N VAL B 223 13.04 6.52 -2.66
CA VAL B 223 12.72 7.71 -3.45
C VAL B 223 12.49 7.31 -4.91
N ASN B 224 13.30 6.38 -5.42
CA ASN B 224 13.15 5.96 -6.79
C ASN B 224 11.87 5.18 -7.04
N ILE B 225 11.50 4.26 -6.14
CA ILE B 225 10.24 3.55 -6.29
CA ILE B 225 10.23 3.55 -6.28
C ILE B 225 9.06 4.52 -6.26
N LEU B 226 9.09 5.47 -5.33
CA LEU B 226 8.00 6.44 -5.23
C LEU B 226 7.92 7.30 -6.49
N SER B 227 9.05 7.65 -7.07
CA SER B 227 9.07 8.43 -8.31
CA SER B 227 9.08 8.42 -8.31
C SER B 227 8.46 7.63 -9.44
N LEU B 228 8.76 6.33 -9.51
CA LEU B 228 8.15 5.48 -10.55
C LEU B 228 6.64 5.40 -10.36
N ARG B 229 6.19 5.38 -9.12
CA ARG B 229 4.76 5.35 -8.79
C ARG B 229 4.13 6.65 -9.32
N GLU B 230 4.71 7.77 -8.92
CA GLU B 230 4.15 9.09 -9.21
C GLU B 230 4.05 9.40 -10.69
N THR B 231 5.04 8.97 -11.45
CA THR B 231 5.14 9.24 -12.86
C THR B 231 4.42 8.19 -13.73
N GLY B 232 3.75 7.24 -13.09
CA GLY B 232 2.91 6.30 -13.81
C GLY B 232 3.61 5.08 -14.38
N ILE B 233 4.91 4.94 -14.11
CA ILE B 233 5.67 3.80 -14.65
C ILE B 233 5.19 2.47 -14.09
N LEU B 234 4.91 2.40 -12.79
CA LEU B 234 4.42 1.16 -12.20
C LEU B 234 3.06 0.78 -12.81
N ASP B 235 2.19 1.76 -13.06
CA ASP B 235 0.91 1.47 -13.71
C ASP B 235 1.14 0.96 -15.13
N ASN B 236 2.08 1.56 -15.83
CA ASN B 236 2.39 1.14 -17.20
C ASN B 236 2.85 -0.31 -17.22
N LEU B 237 3.70 -0.67 -16.28
CA LEU B 237 4.26 -2.02 -16.25
C LEU B 237 3.19 -3.05 -15.90
N LYS B 238 2.28 -2.68 -15.00
CA LYS B 238 1.19 -3.57 -14.63
C LYS B 238 0.33 -3.81 -15.88
N LYS B 239 -0.05 -2.75 -16.59
CA LYS B 239 -0.86 -2.91 -17.80
C LYS B 239 -0.15 -3.77 -18.83
N LYS B 240 1.14 -3.52 -19.05
CA LYS B 240 1.90 -4.25 -20.04
C LYS B 240 1.88 -5.77 -19.81
N TRP B 241 2.04 -6.18 -18.56
CA TRP B 241 2.26 -7.59 -18.24
C TRP B 241 1.00 -8.31 -17.82
N PHE B 242 0.01 -7.59 -17.30
CA PHE B 242 -1.18 -8.22 -16.73
C PHE B 242 -2.49 -8.00 -17.51
N GLN B 243 -2.53 -7.02 -18.41
CA GLN B 243 -3.77 -6.74 -19.10
C GLN B 243 -3.82 -7.56 -20.38
N THR B 244 -4.05 -8.85 -20.20
CA THR B 244 -4.16 -9.77 -21.31
C THR B 244 -5.09 -10.89 -20.85
N LYS B 245 -5.82 -11.46 -21.79
CA LYS B 245 -6.75 -12.54 -21.50
C LYS B 245 -6.84 -13.43 -22.72
N ALA B 246 -6.31 -14.64 -22.64
CA ALA B 246 -6.36 -15.57 -23.75
C ALA B 246 -7.58 -16.47 -23.71
N CYS B 247 -7.94 -16.93 -22.51
CA CYS B 247 -9.03 -17.88 -22.36
C CYS B 247 -10.33 -17.33 -22.94
N PRO B 248 -11.11 -18.18 -23.61
CA PRO B 248 -12.36 -17.69 -24.24
C PRO B 248 -13.38 -17.18 -23.23
#